data_4C2O
#
_entry.id   4C2O
#
_cell.length_a   56.030
_cell.length_b   84.850
_cell.length_c   133.890
_cell.angle_alpha   90.00
_cell.angle_beta   90.00
_cell.angle_gamma   90.00
#
_symmetry.space_group_name_H-M   'P 21 21 21'
#
loop_
_entity.id
_entity.type
_entity.pdbx_description
1 polymer 'ANGIOTENSIN-CONVERTING ENZYME'
2 branched beta-D-mannopyranose-(1-4)-2-acetamido-2-deoxy-beta-D-glucopyranose-(1-4)-[alpha-L-fucopyranose-(1-6)]2-acetamido-2-deoxy-beta-D-glucopyranose
3 non-polymer 'SULFATE ION'
4 non-polymer 'CHLORIDE ION'
5 non-polymer 'ZINC ION'
6 non-polymer 'MALONIC ACID'
7 non-polymer 2-{2-[2-(2-{2-[2-(2-ETHOXY-ETHOXY)-ETHOXY]-ETHOXY}-ETHOXY)-ETHOXY]-ETHOXY}-ETHANOL
8 non-polymer 2-acetamido-2-deoxy-beta-D-glucopyranose
9 non-polymer 'ACETATE ION'
10 water water
#
_entity_poly.entity_id   1
_entity_poly.type   'polypeptide(L)'
_entity_poly.pdbx_seq_one_letter_code
;LVTDEAEASKFVEEYDRTSQVVWNEYAEANWNYNTNITTETSKILLQKNMQIANHTLKYGTQARKFDVNQLQNTTIKRII
KKVQDLERAALPAQELEEYNKILLDMETTYSVATVCHPNGSCLQLEPDLTNVMATSRKYEDLLWAWEGWRDKAGRAILQF
YPKYVELINQAARLNGYVDAGDSWRSMYETPSLEQDLERLFQELQPLYLNLHAYVRRALHRHYGAQHINLEGPIPAHLLG
NMWAQTWSNIYDLVVPFPSAPSMDTTEAMLKQGWTPRRMFKEADDFFTSLGLLPVPPEFWNKSMLEKPTDGREVVCHASA
WDFYNGKDFRIKQCTTVNLEDLVVAHHEMGHIQYFMQYKDLPVALREGANPGFHEAIGDVLALSVSTPKHLHSLNLLSSE
GGSDEHDINFLMKMALDKIAFIPFSYLVTQWRWRVFDGSITKENYNQEWWSLRLKYQGLCPPVPRTQGDFDPGAKFHIPS
SVPYIRYFVSFIIQFQFHEALCQAAGHTGPLHKCDIYQSKEAGQRLATAMKLGFSRPWPEAMQLITGQPNMSASAMLSYF
KPLLDWLRTENELHGEKLGWPQYNWTPNS
;
_entity_poly.pdbx_strand_id   A
#
loop_
_chem_comp.id
_chem_comp.type
_chem_comp.name
_chem_comp.formula
ACT non-polymer 'ACETATE ION' 'C2 H3 O2 -1'
BMA D-saccharide, beta linking beta-D-mannopyranose 'C6 H12 O6'
CL non-polymer 'CHLORIDE ION' 'Cl -1'
FUC L-saccharide, alpha linking alpha-L-fucopyranose 'C6 H12 O5'
MLA non-polymer 'MALONIC ACID' 'C3 H4 O4'
NAG D-saccharide, beta linking 2-acetamido-2-deoxy-beta-D-glucopyranose 'C8 H15 N O6'
PE4 non-polymer 2-{2-[2-(2-{2-[2-(2-ETHOXY-ETHOXY)-ETHOXY]-ETHOXY}-ETHOXY)-ETHOXY]-ETHOXY}-ETHANOL 'C16 H34 O8'
SO4 non-polymer 'SULFATE ION' 'O4 S -2'
ZN non-polymer 'ZINC ION' 'Zn 2'
#
# COMPACT_ATOMS: atom_id res chain seq x y z
N ASP A 4 -1.20 -33.40 -26.13
CA ASP A 4 0.26 -33.11 -25.97
C ASP A 4 0.51 -31.59 -26.00
N GLU A 5 1.64 -31.17 -26.59
CA GLU A 5 2.05 -29.77 -26.62
C GLU A 5 1.11 -28.86 -27.41
N ALA A 6 0.53 -29.39 -28.49
CA ALA A 6 -0.35 -28.60 -29.36
C ALA A 6 -1.69 -28.30 -28.69
N GLU A 7 -2.23 -29.29 -28.01
CA GLU A 7 -3.46 -29.11 -27.25
C GLU A 7 -3.27 -28.07 -26.15
N ALA A 8 -2.10 -28.09 -25.49
CA ALA A 8 -1.86 -27.14 -24.38
C ALA A 8 -1.65 -25.71 -24.89
N SER A 9 -0.94 -25.57 -26.00
CA SER A 9 -0.78 -24.27 -26.65
C SER A 9 -2.13 -23.67 -27.09
N LYS A 10 -2.96 -24.49 -27.72
CA LYS A 10 -4.30 -24.12 -28.17
C LYS A 10 -5.19 -23.67 -27.01
N PHE A 11 -5.15 -24.46 -25.94
CA PHE A 11 -5.92 -24.14 -24.75
C PHE A 11 -5.59 -22.76 -24.21
N VAL A 12 -4.30 -22.49 -24.08
CA VAL A 12 -3.87 -21.19 -23.56
C VAL A 12 -4.33 -20.05 -24.48
N GLU A 13 -4.35 -20.29 -25.79
CA GLU A 13 -4.84 -19.27 -26.73
C GLU A 13 -6.32 -18.97 -26.51
N GLU A 14 -7.12 -20.02 -26.35
CA GLU A 14 -8.56 -19.86 -26.13
C GLU A 14 -8.82 -19.21 -24.78
N TYR A 15 -8.06 -19.60 -23.77
CA TYR A 15 -8.20 -18.94 -22.46
C TYR A 15 -7.94 -17.44 -22.53
N ASP A 16 -6.90 -17.03 -23.26
CA ASP A 16 -6.54 -15.63 -23.35
C ASP A 16 -7.64 -14.84 -24.06
N ARG A 17 -8.21 -15.39 -25.12
CA ARG A 17 -9.22 -14.68 -25.89
C ARG A 17 -10.46 -14.42 -25.08
N THR A 18 -10.96 -15.49 -24.47
CA THR A 18 -12.19 -15.42 -23.71
C THR A 18 -11.99 -14.57 -22.43
N SER A 19 -10.86 -14.72 -21.77
CA SER A 19 -10.59 -13.96 -20.53
C SER A 19 -10.58 -12.45 -20.77
N GLN A 20 -9.97 -12.00 -21.86
CA GLN A 20 -10.00 -10.58 -22.23
C GLN A 20 -11.42 -10.06 -22.22
N VAL A 21 -12.34 -10.82 -22.84
CA VAL A 21 -13.72 -10.37 -22.97
C VAL A 21 -14.42 -10.33 -21.62
N VAL A 22 -14.39 -11.46 -20.89
CA VAL A 22 -15.10 -11.55 -19.62
C VAL A 22 -14.46 -10.64 -18.55
N TRP A 23 -13.13 -10.56 -18.49
CA TRP A 23 -12.49 -9.67 -17.50
C TRP A 23 -12.81 -8.22 -17.77
N ASN A 24 -12.86 -7.83 -19.04
CA ASN A 24 -13.21 -6.47 -19.40
C ASN A 24 -14.64 -6.12 -18.96
N GLU A 25 -15.56 -7.08 -19.12
CA GLU A 25 -16.95 -6.88 -18.65
C GLU A 25 -17.02 -6.74 -17.14
N TYR A 26 -16.30 -7.60 -16.45
CA TYR A 26 -16.30 -7.57 -15.00
C TYR A 26 -15.75 -6.25 -14.48
N ALA A 27 -14.60 -5.84 -15.03
CA ALA A 27 -13.97 -4.57 -14.66
C ALA A 27 -14.92 -3.37 -14.80
N GLU A 28 -15.71 -3.30 -15.89
CA GLU A 28 -16.66 -2.18 -16.05
C GLU A 28 -17.75 -2.17 -14.97
N ALA A 29 -18.29 -3.34 -14.62
CA ALA A 29 -19.30 -3.41 -13.56
C ALA A 29 -18.70 -3.06 -12.19
N ASN A 30 -17.47 -3.50 -11.95
CA ASN A 30 -16.82 -3.23 -10.70
C ASN A 30 -16.53 -1.76 -10.56
N TRP A 31 -16.05 -1.13 -11.64
CA TRP A 31 -15.84 0.33 -11.68
C TRP A 31 -17.15 1.07 -11.37
N ASN A 32 -18.23 0.65 -12.03
CA ASN A 32 -19.52 1.34 -11.86
C ASN A 32 -20.04 1.33 -10.42
N TYR A 33 -19.87 0.22 -9.71
CA TYR A 33 -20.20 0.18 -8.27
C TYR A 33 -19.24 1.04 -7.44
N ASN A 34 -17.94 0.90 -7.71
CA ASN A 34 -16.92 1.60 -6.92
C ASN A 34 -17.03 3.11 -7.00
N THR A 35 -17.49 3.59 -8.14
CA THR A 35 -17.63 5.02 -8.38
C THR A 35 -19.09 5.50 -8.29
N ASN A 36 -19.99 4.62 -7.86
CA ASN A 36 -21.42 4.94 -7.76
C ASN A 36 -22.09 3.81 -6.97
N ILE A 37 -21.94 3.84 -5.66
CA ILE A 37 -22.44 2.80 -4.78
C ILE A 37 -23.96 2.99 -4.66
N THR A 38 -24.71 2.08 -5.29
CA THR A 38 -26.17 2.04 -5.22
C THR A 38 -26.61 0.58 -5.21
N THR A 39 -27.89 0.34 -4.90
CA THR A 39 -28.46 -1.00 -4.96
C THR A 39 -28.31 -1.61 -6.35
N GLU A 40 -28.66 -0.85 -7.39
CA GLU A 40 -28.59 -1.34 -8.78
C GLU A 40 -27.17 -1.77 -9.15
N THR A 41 -26.19 -0.89 -8.94
CA THR A 41 -24.81 -1.21 -9.33
C THR A 41 -24.26 -2.36 -8.51
N SER A 42 -24.66 -2.47 -7.23
CA SER A 42 -24.29 -3.64 -6.41
C SER A 42 -24.85 -4.94 -7.01
N LYS A 43 -26.12 -4.88 -7.38
CA LYS A 43 -26.82 -6.03 -7.94
C LYS A 43 -26.16 -6.47 -9.25
N ILE A 44 -25.86 -5.52 -10.13
CA ILE A 44 -25.20 -5.84 -11.40
C ILE A 44 -23.80 -6.45 -11.17
N LEU A 45 -23.04 -5.89 -10.24
CA LEU A 45 -21.72 -6.43 -9.90
C LEU A 45 -21.81 -7.88 -9.41
N LEU A 46 -22.72 -8.16 -8.48
CA LEU A 46 -22.89 -9.52 -7.95
C LEU A 46 -23.31 -10.51 -9.05
N GLN A 47 -24.12 -10.04 -10.00
CA GLN A 47 -24.44 -10.85 -11.19
C GLN A 47 -23.19 -11.14 -12.03
N LYS A 48 -22.39 -10.11 -12.30
CA LYS A 48 -21.18 -10.29 -13.10
C LYS A 48 -20.14 -11.17 -12.38
N ASN A 49 -20.15 -11.16 -11.03
CA ASN A 49 -19.36 -12.11 -10.25
C ASN A 49 -19.65 -13.55 -10.67
N MET A 50 -20.94 -13.87 -10.84
CA MET A 50 -21.30 -15.23 -11.23
C MET A 50 -20.87 -15.52 -12.66
N GLN A 51 -20.91 -14.52 -13.53
CA GLN A 51 -20.46 -14.70 -14.91
C GLN A 51 -18.97 -14.99 -15.01
N ILE A 52 -18.17 -14.28 -14.24
CA ILE A 52 -16.73 -14.51 -14.28
C ILE A 52 -16.37 -15.84 -13.59
N ALA A 53 -17.09 -16.22 -12.53
CA ALA A 53 -16.88 -17.55 -11.91
C ALA A 53 -17.17 -18.69 -12.90
N ASN A 54 -18.24 -18.55 -13.68
CA ASN A 54 -18.58 -19.54 -14.71
C ASN A 54 -17.41 -19.75 -15.67
N HIS A 55 -16.81 -18.66 -16.12
CA HIS A 55 -15.66 -18.73 -17.01
C HIS A 55 -14.46 -19.38 -16.30
N THR A 56 -14.15 -18.88 -15.10
CA THR A 56 -13.03 -19.41 -14.31
C THR A 56 -13.17 -20.92 -14.07
N LEU A 57 -14.37 -21.35 -13.71
CA LEU A 57 -14.67 -22.78 -13.52
C LEU A 57 -14.47 -23.60 -14.80
N LYS A 58 -15.01 -23.10 -15.91
CA LYS A 58 -14.90 -23.78 -17.21
C LYS A 58 -13.44 -24.02 -17.56
N TYR A 59 -12.66 -22.95 -17.60
CA TYR A 59 -11.27 -23.07 -18.02
C TYR A 59 -10.38 -23.70 -16.94
N GLY A 60 -10.68 -23.44 -15.68
CA GLY A 60 -9.93 -24.07 -14.60
C GLY A 60 -10.06 -25.58 -14.61
N THR A 61 -11.26 -26.06 -14.90
CA THR A 61 -11.52 -27.49 -14.95
C THR A 61 -10.73 -28.13 -16.08
N GLN A 62 -10.76 -27.54 -17.27
CA GLN A 62 -9.94 -28.03 -18.40
C GLN A 62 -8.45 -27.99 -18.09
N ALA A 63 -8.01 -26.91 -17.44
CA ALA A 63 -6.59 -26.73 -17.11
C ALA A 63 -6.09 -27.86 -16.21
N ARG A 64 -6.93 -28.26 -15.26
CA ARG A 64 -6.57 -29.29 -14.27
C ARG A 64 -6.47 -30.68 -14.88
N LYS A 65 -6.96 -30.85 -16.10
CA LYS A 65 -6.83 -32.12 -16.80
C LYS A 65 -5.50 -32.26 -17.51
N PHE A 66 -4.77 -31.17 -17.70
CA PHE A 66 -3.39 -31.26 -18.18
C PHE A 66 -2.45 -31.69 -17.05
N ASP A 67 -1.58 -32.66 -17.33
CA ASP A 67 -0.45 -32.97 -16.45
C ASP A 67 0.67 -32.00 -16.78
N VAL A 68 0.79 -30.94 -15.97
CA VAL A 68 1.65 -29.81 -16.29
C VAL A 68 3.12 -30.18 -16.51
N ASN A 69 3.60 -31.21 -15.81
CA ASN A 69 5.02 -31.53 -15.87
C ASN A 69 5.39 -32.39 -17.07
N GLN A 70 4.39 -32.97 -17.72
CA GLN A 70 4.56 -33.57 -19.04
C GLN A 70 4.77 -32.52 -20.15
N LEU A 71 4.38 -31.28 -19.88
CA LEU A 71 4.54 -30.21 -20.86
C LEU A 71 5.95 -29.64 -20.86
N GLN A 72 6.51 -29.50 -22.05
CA GLN A 72 7.88 -28.98 -22.23
C GLN A 72 7.96 -27.46 -22.16
N ASN A 73 7.24 -26.77 -23.05
CA ASN A 73 7.33 -25.31 -23.13
C ASN A 73 6.98 -24.70 -21.79
N THR A 74 7.86 -23.86 -21.28
CA THR A 74 7.76 -23.38 -19.90
C THR A 74 6.74 -22.26 -19.72
N THR A 75 6.51 -21.46 -20.77
CA THR A 75 5.55 -20.37 -20.69
C THR A 75 4.12 -20.92 -20.64
N ILE A 76 3.89 -22.00 -21.39
CA ILE A 76 2.59 -22.65 -21.43
C ILE A 76 2.37 -23.45 -20.14
N LYS A 77 3.40 -24.17 -19.70
CA LYS A 77 3.42 -24.86 -18.41
C LYS A 77 2.95 -23.91 -17.30
N ARG A 78 3.51 -22.71 -17.32
CA ARG A 78 3.26 -21.67 -16.32
C ARG A 78 1.84 -21.10 -16.31
N ILE A 79 1.33 -20.75 -17.49
CA ILE A 79 -0.03 -20.23 -17.62
C ILE A 79 -1.01 -21.29 -17.16
N ILE A 80 -0.83 -22.53 -17.60
CA ILE A 80 -1.76 -23.61 -17.27
C ILE A 80 -1.82 -23.87 -15.77
N LYS A 81 -0.66 -23.95 -15.12
CA LYS A 81 -0.60 -24.14 -13.66
C LYS A 81 -1.40 -23.04 -12.94
N LYS A 82 -1.26 -21.81 -13.43
CA LYS A 82 -1.97 -20.67 -12.89
C LYS A 82 -3.49 -20.71 -13.06
N VAL A 83 -3.94 -21.12 -14.25
CA VAL A 83 -5.38 -21.25 -14.56
C VAL A 83 -6.02 -22.41 -13.78
N GLN A 84 -5.21 -23.34 -13.28
CA GLN A 84 -5.67 -24.42 -12.42
C GLN A 84 -6.19 -23.90 -11.06
N ASP A 85 -5.79 -22.69 -10.69
CA ASP A 85 -6.26 -22.05 -9.46
C ASP A 85 -7.54 -21.27 -9.75
N LEU A 86 -8.65 -21.84 -9.30
CA LEU A 86 -9.99 -21.27 -9.52
C LEU A 86 -10.29 -20.10 -8.58
N GLU A 87 -9.44 -19.90 -7.58
CA GLU A 87 -9.71 -18.95 -6.51
C GLU A 87 -11.14 -19.17 -5.96
N ARG A 88 -11.92 -18.11 -5.81
CA ARG A 88 -13.24 -18.23 -5.18
C ARG A 88 -14.22 -19.09 -5.98
N ALA A 89 -13.96 -19.25 -7.27
CA ALA A 89 -14.82 -20.04 -8.15
C ALA A 89 -14.78 -21.55 -7.84
N ALA A 90 -13.81 -21.98 -7.04
CA ALA A 90 -13.81 -23.34 -6.50
C ALA A 90 -14.94 -23.58 -5.50
N LEU A 91 -15.55 -22.52 -4.96
CA LEU A 91 -16.58 -22.70 -3.92
C LEU A 91 -17.88 -23.23 -4.53
N PRO A 92 -18.60 -24.10 -3.79
CA PRO A 92 -19.95 -24.43 -4.27
C PRO A 92 -20.85 -23.18 -4.37
N ALA A 93 -21.89 -23.27 -5.21
CA ALA A 93 -22.63 -22.09 -5.65
C ALA A 93 -23.19 -21.24 -4.52
N GLN A 94 -23.72 -21.88 -3.49
CA GLN A 94 -24.30 -21.17 -2.34
C GLN A 94 -23.22 -20.42 -1.56
N GLU A 95 -22.08 -21.06 -1.32
CA GLU A 95 -20.97 -20.45 -0.59
C GLU A 95 -20.33 -19.33 -1.42
N LEU A 96 -20.25 -19.53 -2.72
CA LEU A 96 -19.76 -18.51 -3.62
C LEU A 96 -20.62 -17.25 -3.55
N GLU A 97 -21.93 -17.42 -3.63
CA GLU A 97 -22.81 -16.24 -3.60
C GLU A 97 -22.71 -15.53 -2.24
N GLU A 98 -22.64 -16.32 -1.17
CA GLU A 98 -22.47 -15.79 0.18
C GLU A 98 -21.17 -14.99 0.31
N TYR A 99 -20.09 -15.58 -0.19
CA TYR A 99 -18.75 -14.94 -0.13
C TYR A 99 -18.74 -13.62 -0.87
N ASN A 100 -19.24 -13.62 -2.11
CA ASN A 100 -19.29 -12.40 -2.91
C ASN A 100 -20.10 -11.30 -2.23
N LYS A 101 -21.19 -11.67 -1.56
CA LYS A 101 -22.04 -10.69 -0.88
C LYS A 101 -21.35 -10.14 0.38
N ILE A 102 -20.69 -11.03 1.12
CA ILE A 102 -19.89 -10.63 2.27
C ILE A 102 -18.84 -9.59 1.89
N LEU A 103 -18.11 -9.82 0.80
CA LEU A 103 -17.08 -8.90 0.34
C LEU A 103 -17.65 -7.53 0.01
N LEU A 104 -18.77 -7.52 -0.71
CA LEU A 104 -19.41 -6.26 -1.09
C LEU A 104 -19.93 -5.52 0.14
N ASP A 105 -20.51 -6.27 1.09
CA ASP A 105 -21.05 -5.65 2.28
C ASP A 105 -19.95 -5.04 3.15
N MET A 106 -18.81 -5.72 3.25
CA MET A 106 -17.67 -5.19 4.01
C MET A 106 -17.14 -3.92 3.33
N GLU A 107 -16.94 -3.95 2.02
CA GLU A 107 -16.45 -2.79 1.28
C GLU A 107 -17.38 -1.58 1.43
N THR A 108 -18.67 -1.82 1.22
CA THR A 108 -19.69 -0.77 1.34
C THR A 108 -19.71 -0.15 2.75
N THR A 109 -19.78 -1.01 3.76
CA THR A 109 -19.76 -0.57 5.15
C THR A 109 -18.57 0.34 5.46
N TYR A 110 -17.37 -0.06 5.07
CA TYR A 110 -16.17 0.74 5.32
C TYR A 110 -16.27 2.08 4.59
N SER A 111 -16.67 2.01 3.33
CA SER A 111 -16.61 3.15 2.44
C SER A 111 -17.66 4.22 2.76
N VAL A 112 -18.74 3.86 3.44
CA VAL A 112 -19.81 4.82 3.78
C VAL A 112 -19.96 5.15 5.28
N ALA A 113 -19.07 4.62 6.11
CA ALA A 113 -19.12 4.92 7.55
C ALA A 113 -18.81 6.38 7.78
N THR A 114 -19.51 6.96 8.76
CA THR A 114 -19.25 8.34 9.17
C THR A 114 -19.21 8.42 10.70
N VAL A 115 -18.52 9.44 11.20
CA VAL A 115 -18.44 9.71 12.63
C VAL A 115 -19.07 11.07 12.91
N CYS A 116 -20.05 11.08 13.80
CA CYS A 116 -20.91 12.24 14.02
C CYS A 116 -20.75 12.87 15.41
N HIS A 117 -20.69 14.19 15.46
CA HIS A 117 -20.88 14.91 16.72
C HIS A 117 -22.38 14.87 17.07
N PRO A 118 -22.70 14.72 18.36
CA PRO A 118 -24.10 14.65 18.75
C PRO A 118 -24.79 15.96 18.45
N ASN A 119 -25.86 15.91 17.67
CA ASN A 119 -26.50 17.10 17.12
C ASN A 119 -25.54 18.00 16.35
N GLY A 120 -24.58 17.40 15.66
CA GLY A 120 -23.58 18.15 14.90
C GLY A 120 -23.26 17.55 13.55
N SER A 121 -22.13 17.99 12.98
CA SER A 121 -21.70 17.51 11.68
C SER A 121 -21.26 16.05 11.75
N CYS A 122 -21.42 15.34 10.64
CA CYS A 122 -20.91 13.97 10.47
C CYS A 122 -19.74 13.98 9.51
N LEU A 123 -18.66 13.29 9.89
CA LEU A 123 -17.40 13.36 9.18
C LEU A 123 -17.11 12.05 8.45
N GLN A 124 -16.66 12.17 7.21
CA GLN A 124 -16.20 11.01 6.47
C GLN A 124 -14.70 10.82 6.71
N LEU A 125 -14.22 9.61 6.46
CA LEU A 125 -12.78 9.34 6.61
C LEU A 125 -11.99 10.28 5.70
N GLU A 126 -12.31 10.28 4.40
CA GLU A 126 -11.66 11.17 3.46
C GLU A 126 -12.63 12.26 3.01
N PRO A 127 -12.23 13.54 3.13
CA PRO A 127 -10.98 14.04 3.68
C PRO A 127 -11.06 14.43 5.17
N ASP A 128 -12.24 14.35 5.78
CA ASP A 128 -12.48 15.02 7.08
C ASP A 128 -11.68 14.44 8.25
N LEU A 129 -11.79 13.14 8.51
CA LEU A 129 -11.04 12.52 9.63
C LEU A 129 -9.53 12.43 9.34
N THR A 130 -9.17 12.16 8.10
CA THR A 130 -7.76 12.16 7.70
C THR A 130 -7.16 13.53 7.98
N ASN A 131 -7.92 14.61 7.70
CA ASN A 131 -7.45 15.95 7.97
C ASN A 131 -7.30 16.25 9.47
N VAL A 132 -8.24 15.77 10.30
CA VAL A 132 -8.11 15.90 11.77
C VAL A 132 -6.85 15.20 12.25
N MET A 133 -6.66 13.93 11.86
CA MET A 133 -5.46 13.22 12.33
C MET A 133 -4.16 13.90 11.93
N ALA A 134 -4.14 14.52 10.75
CA ALA A 134 -2.91 15.10 10.21
C ALA A 134 -2.58 16.46 10.80
N THR A 135 -3.59 17.21 11.24
CA THR A 135 -3.37 18.61 11.61
C THR A 135 -3.69 19.02 13.06
N SER A 136 -4.58 18.31 13.73
CA SER A 136 -4.88 18.66 15.13
C SER A 136 -3.68 18.30 16.01
N ARG A 137 -3.40 19.19 16.95
CA ARG A 137 -2.32 18.98 17.91
C ARG A 137 -2.86 18.92 19.33
N LYS A 138 -4.13 18.56 19.44
CA LYS A 138 -4.81 18.43 20.72
C LYS A 138 -5.18 16.97 20.98
N TYR A 139 -4.64 16.43 22.07
CA TYR A 139 -4.83 15.03 22.46
C TYR A 139 -6.27 14.61 22.38
N GLU A 140 -7.18 15.38 22.96
CA GLU A 140 -8.56 14.94 23.04
C GLU A 140 -9.34 15.02 21.70
N ASP A 141 -8.97 15.94 20.82
CA ASP A 141 -9.61 16.01 19.49
C ASP A 141 -9.13 14.84 18.59
N LEU A 142 -7.85 14.47 18.71
CA LEU A 142 -7.31 13.31 17.99
C LEU A 142 -7.95 12.00 18.47
N LEU A 143 -8.19 11.92 19.77
CA LEU A 143 -8.78 10.73 20.36
C LEU A 143 -10.21 10.54 19.87
N TRP A 144 -10.97 11.63 19.84
CA TRP A 144 -12.33 11.58 19.35
C TRP A 144 -12.39 10.97 17.95
N ALA A 145 -11.51 11.44 17.07
CA ALA A 145 -11.47 10.97 15.66
C ALA A 145 -11.02 9.50 15.56
N TRP A 146 -9.99 9.17 16.33
CA TRP A 146 -9.37 7.83 16.30
C TRP A 146 -10.34 6.77 16.85
N GLU A 147 -10.95 7.04 18.00
CA GLU A 147 -11.89 6.13 18.61
C GLU A 147 -13.19 6.08 17.81
N GLY A 148 -13.68 7.25 17.42
CA GLY A 148 -14.92 7.35 16.64
C GLY A 148 -14.89 6.53 15.37
N TRP A 149 -13.74 6.57 14.67
CA TRP A 149 -13.59 5.82 13.41
C TRP A 149 -13.61 4.33 13.69
N ARG A 150 -12.94 3.91 14.75
CA ARG A 150 -12.96 2.50 15.11
C ARG A 150 -14.36 2.06 15.55
N ASP A 151 -15.06 2.91 16.30
CA ASP A 151 -16.40 2.56 16.78
C ASP A 151 -17.37 2.37 15.62
N LYS A 152 -17.22 3.15 14.56
CA LYS A 152 -18.18 3.16 13.44
C LYS A 152 -17.81 2.21 12.33
N ALA A 153 -16.53 2.14 11.99
CA ALA A 153 -16.09 1.30 10.88
C ALA A 153 -15.62 -0.05 11.40
N GLY A 154 -14.67 -0.06 12.33
CA GLY A 154 -14.15 -1.32 12.87
C GLY A 154 -15.22 -2.25 13.40
N ARG A 155 -16.06 -1.72 14.28
CA ARG A 155 -17.07 -2.53 14.96
C ARG A 155 -18.10 -3.09 13.99
N ALA A 156 -18.44 -2.31 12.97
CA ALA A 156 -19.40 -2.74 11.97
C ALA A 156 -18.87 -3.84 11.03
N ILE A 157 -17.56 -3.96 10.89
CA ILE A 157 -17.01 -5.01 10.06
C ILE A 157 -17.01 -6.36 10.79
N LEU A 158 -16.99 -6.34 12.13
CA LEU A 158 -16.85 -7.57 12.91
C LEU A 158 -17.88 -8.66 12.60
N GLN A 159 -19.13 -8.28 12.36
CA GLN A 159 -20.18 -9.27 12.12
C GLN A 159 -19.93 -10.06 10.86
N PHE A 160 -19.11 -9.55 9.94
CA PHE A 160 -18.81 -10.23 8.68
C PHE A 160 -17.56 -11.08 8.68
N TYR A 161 -16.58 -10.75 9.52
CA TYR A 161 -15.21 -11.22 9.28
C TYR A 161 -15.02 -12.71 9.50
N PRO A 162 -15.63 -13.29 10.55
CA PRO A 162 -15.40 -14.72 10.73
C PRO A 162 -15.93 -15.58 9.56
N LYS A 163 -17.09 -15.22 9.00
CA LYS A 163 -17.61 -15.96 7.85
C LYS A 163 -16.74 -15.73 6.59
N TYR A 164 -16.23 -14.50 6.44
CA TYR A 164 -15.28 -14.18 5.37
C TYR A 164 -14.07 -15.11 5.43
N VAL A 165 -13.50 -15.25 6.64
CA VAL A 165 -12.29 -16.01 6.84
C VAL A 165 -12.60 -17.48 6.52
N GLU A 166 -13.75 -17.97 7.00
CA GLU A 166 -14.14 -19.34 6.72
C GLU A 166 -14.22 -19.63 5.20
N LEU A 167 -14.88 -18.76 4.47
CA LEU A 167 -15.09 -18.96 3.03
C LEU A 167 -13.79 -18.78 2.21
N ILE A 168 -12.97 -17.80 2.58
CA ILE A 168 -11.75 -17.56 1.81
C ILE A 168 -10.76 -18.70 2.03
N ASN A 169 -10.68 -19.22 3.26
CA ASN A 169 -9.86 -20.41 3.55
C ASN A 169 -10.38 -21.64 2.83
N GLN A 170 -11.70 -21.82 2.81
CA GLN A 170 -12.33 -22.96 2.13
C GLN A 170 -11.95 -22.97 0.64
N ALA A 171 -12.05 -21.81 0.00
CA ALA A 171 -11.64 -21.67 -1.40
C ALA A 171 -10.17 -22.04 -1.58
N ALA A 172 -9.32 -21.56 -0.67
CA ALA A 172 -7.92 -21.86 -0.73
C ALA A 172 -7.66 -23.37 -0.64
N ARG A 173 -8.31 -24.06 0.30
CA ARG A 173 -8.10 -25.49 0.45
C ARG A 173 -8.57 -26.23 -0.79
N LEU A 174 -9.70 -25.82 -1.35
CA LEU A 174 -10.20 -26.44 -2.58
C LEU A 174 -9.25 -26.25 -3.78
N ASN A 175 -8.40 -25.24 -3.73
CA ASN A 175 -7.37 -25.03 -4.75
C ASN A 175 -5.99 -25.59 -4.41
N GLY A 176 -5.91 -26.33 -3.32
CA GLY A 176 -4.70 -27.07 -2.94
C GLY A 176 -3.75 -26.38 -1.98
N TYR A 177 -4.19 -25.27 -1.38
CA TYR A 177 -3.42 -24.54 -0.36
C TYR A 177 -3.89 -24.96 1.02
N VAL A 178 -3.17 -24.60 2.07
CA VAL A 178 -3.63 -24.91 3.43
C VAL A 178 -4.57 -23.85 4.01
N ASP A 179 -4.48 -22.62 3.50
CA ASP A 179 -5.34 -21.50 3.94
C ASP A 179 -5.14 -20.30 2.99
N ALA A 180 -5.92 -19.24 3.17
CA ALA A 180 -5.86 -18.10 2.24
C ALA A 180 -4.48 -17.41 2.20
N GLY A 181 -3.82 -17.36 3.35
CA GLY A 181 -2.53 -16.68 3.46
C GLY A 181 -1.47 -17.43 2.66
N ASP A 182 -1.42 -18.75 2.84
CA ASP A 182 -0.60 -19.64 1.99
C ASP A 182 -0.84 -19.32 0.50
N SER A 183 -2.10 -19.30 0.10
CA SER A 183 -2.50 -18.94 -1.26
C SER A 183 -1.88 -17.59 -1.73
N TRP A 184 -2.05 -16.56 -0.91
CA TRP A 184 -1.52 -15.23 -1.22
C TRP A 184 -0.01 -15.21 -1.38
N ARG A 185 0.69 -15.82 -0.44
CA ARG A 185 2.14 -15.79 -0.40
C ARG A 185 2.71 -16.54 -1.58
N SER A 186 1.98 -17.53 -2.07
CA SER A 186 2.42 -18.29 -3.23
C SER A 186 2.65 -17.42 -4.46
N MET A 187 2.01 -16.25 -4.53
CA MET A 187 2.24 -15.33 -5.66
C MET A 187 3.71 -14.91 -5.79
N TYR A 188 4.48 -14.95 -4.70
CA TYR A 188 5.90 -14.53 -4.69
C TYR A 188 6.85 -15.63 -5.15
N GLU A 189 6.35 -16.87 -5.18
CA GLU A 189 7.13 -18.02 -5.65
C GLU A 189 8.48 -18.08 -4.93
N THR A 190 8.45 -17.83 -3.61
CA THR A 190 9.66 -17.72 -2.82
C THR A 190 9.50 -18.50 -1.50
N PRO A 191 10.00 -19.75 -1.47
CA PRO A 191 9.86 -20.55 -0.25
C PRO A 191 10.46 -19.90 0.99
N SER A 192 11.53 -19.15 0.82
CA SER A 192 12.21 -18.44 1.91
C SER A 192 11.52 -17.14 2.36
N LEU A 193 10.35 -16.82 1.80
CA LEU A 193 9.71 -15.51 1.99
C LEU A 193 9.56 -15.10 3.45
N GLU A 194 9.05 -16.01 4.29
CA GLU A 194 8.86 -15.70 5.70
C GLU A 194 10.17 -15.27 6.37
N GLN A 195 11.19 -16.08 6.18
CA GLN A 195 12.51 -15.78 6.75
C GLN A 195 13.07 -14.49 6.19
N ASP A 196 12.91 -14.31 4.87
CA ASP A 196 13.38 -13.09 4.20
C ASP A 196 12.76 -11.84 4.85
N LEU A 197 11.44 -11.86 5.06
CA LEU A 197 10.75 -10.69 5.60
C LEU A 197 11.22 -10.41 7.03
N GLU A 198 11.43 -11.47 7.82
CA GLU A 198 11.89 -11.31 9.20
C GLU A 198 13.29 -10.71 9.20
N ARG A 199 14.18 -11.20 8.34
CA ARG A 199 15.54 -10.67 8.24
C ARG A 199 15.52 -9.19 7.90
N LEU A 200 14.72 -8.85 6.90
CA LEU A 200 14.59 -7.47 6.45
C LEU A 200 14.06 -6.56 7.56
N PHE A 201 13.03 -7.02 8.26
CA PHE A 201 12.48 -6.28 9.40
C PHE A 201 13.56 -6.01 10.46
N GLN A 202 14.34 -7.06 10.77
CA GLN A 202 15.41 -6.92 11.79
C GLN A 202 16.49 -5.92 11.38
N GLU A 203 16.83 -5.87 10.10
CA GLU A 203 17.85 -4.92 9.64
C GLU A 203 17.42 -3.47 9.77
N LEU A 204 16.12 -3.21 9.75
CA LEU A 204 15.57 -1.84 9.93
C LEU A 204 15.37 -1.47 11.39
N GLN A 205 15.75 -2.36 12.30
CA GLN A 205 15.54 -2.09 13.72
C GLN A 205 16.36 -0.93 14.26
N PRO A 206 17.67 -0.87 13.93
CA PRO A 206 18.41 0.28 14.46
C PRO A 206 17.79 1.63 14.08
N LEU A 207 17.40 1.76 12.83
CA LEU A 207 16.78 2.97 12.35
C LEU A 207 15.40 3.16 12.99
N TYR A 208 14.57 2.13 13.02
CA TYR A 208 13.24 2.32 13.57
C TYR A 208 13.25 2.64 15.06
N LEU A 209 14.00 1.88 15.84
CA LEU A 209 14.02 2.11 17.29
C LEU A 209 14.54 3.50 17.61
N ASN A 210 15.54 3.96 16.86
CA ASN A 210 16.09 5.31 17.07
C ASN A 210 15.07 6.38 16.65
N LEU A 211 14.40 6.19 15.51
CA LEU A 211 13.35 7.14 15.07
C LEU A 211 12.24 7.16 16.12
N HIS A 212 11.77 5.99 16.53
CA HIS A 212 10.70 5.85 17.53
C HIS A 212 11.08 6.59 18.83
N ALA A 213 12.31 6.40 19.31
CA ALA A 213 12.73 7.02 20.59
C ALA A 213 12.76 8.54 20.47
N TYR A 214 13.24 9.03 19.33
CA TYR A 214 13.31 10.47 19.08
C TYR A 214 11.92 11.12 18.98
N VAL A 215 11.03 10.45 18.27
CA VAL A 215 9.64 10.92 18.13
C VAL A 215 8.91 10.92 19.49
N ARG A 216 9.09 9.85 20.28
CA ARG A 216 8.49 9.73 21.61
C ARG A 216 8.90 10.90 22.49
N ARG A 217 10.19 11.26 22.45
CA ARG A 217 10.73 12.41 23.20
C ARG A 217 10.04 13.71 22.78
N ALA A 218 9.87 13.92 21.48
CA ALA A 218 9.21 15.14 20.97
C ALA A 218 7.72 15.17 21.35
N LEU A 219 7.07 14.02 21.38
CA LEU A 219 5.66 13.96 21.76
C LEU A 219 5.51 14.29 23.26
N HIS A 220 6.44 13.80 24.08
CA HIS A 220 6.53 14.14 25.51
C HIS A 220 6.57 15.64 25.71
N ARG A 221 7.43 16.28 24.93
CA ARG A 221 7.60 17.72 24.95
C ARG A 221 6.28 18.44 24.66
N HIS A 222 5.55 17.98 23.64
CA HIS A 222 4.31 18.67 23.24
C HIS A 222 3.06 18.28 24.03
N TYR A 223 2.85 16.98 24.22
CA TYR A 223 1.61 16.51 24.80
C TYR A 223 1.67 16.41 26.32
N GLY A 224 2.86 16.46 26.88
CA GLY A 224 3.03 16.52 28.34
C GLY A 224 3.53 15.25 28.99
N ALA A 225 4.29 15.43 30.06
CA ALA A 225 4.94 14.32 30.75
C ALA A 225 3.95 13.29 31.30
N GLN A 226 2.77 13.75 31.68
CA GLN A 226 1.75 12.88 32.21
C GLN A 226 1.10 12.00 31.14
N HIS A 227 1.41 12.25 29.86
CA HIS A 227 0.78 11.52 28.74
C HIS A 227 1.70 10.70 27.83
N ILE A 228 3.00 10.76 28.04
CA ILE A 228 3.97 9.98 27.27
C ILE A 228 4.96 9.34 28.27
N ASN A 229 5.12 8.02 28.20
CA ASN A 229 6.12 7.33 28.99
C ASN A 229 7.37 7.15 28.15
N LEU A 230 8.46 7.76 28.58
CA LEU A 230 9.69 7.79 27.79
C LEU A 230 10.35 6.43 27.63
N GLU A 231 9.85 5.42 28.35
CA GLU A 231 10.34 4.07 28.25
C GLU A 231 9.24 3.08 27.85
N GLY A 232 8.10 3.62 27.40
CA GLY A 232 6.95 2.83 26.96
C GLY A 232 6.55 3.04 25.49
N PRO A 233 5.49 2.32 25.07
CA PRO A 233 4.94 2.50 23.74
C PRO A 233 4.25 3.87 23.58
N ILE A 234 4.18 4.32 22.34
CA ILE A 234 3.61 5.64 22.00
C ILE A 234 2.09 5.50 21.77
N PRO A 235 1.27 6.36 22.37
CA PRO A 235 -0.17 6.35 22.05
C PRO A 235 -0.45 6.46 20.53
N ALA A 236 -1.30 5.57 20.03
CA ALA A 236 -1.45 5.35 18.57
C ALA A 236 -2.16 6.44 17.77
N HIS A 237 -2.71 7.42 18.46
CA HIS A 237 -3.46 8.48 17.80
C HIS A 237 -2.63 9.77 17.58
N LEU A 238 -1.33 9.75 17.90
CA LEU A 238 -0.52 10.99 17.94
C LEU A 238 0.46 11.15 16.77
N LEU A 239 0.35 10.27 15.78
CA LEU A 239 1.40 10.16 14.77
C LEU A 239 1.02 10.79 13.41
N GLY A 240 -0.12 11.50 13.38
CA GLY A 240 -0.51 12.28 12.20
C GLY A 240 -1.29 11.56 11.11
N ASN A 241 -1.61 10.29 11.36
CA ASN A 241 -2.24 9.37 10.42
C ASN A 241 -3.17 8.45 11.23
N MET A 242 -4.35 8.15 10.66
CA MET A 242 -5.36 7.35 11.34
C MET A 242 -4.84 6.02 11.87
N TRP A 243 -3.91 5.41 11.14
CA TRP A 243 -3.35 4.10 11.51
C TRP A 243 -1.92 4.13 12.07
N ALA A 244 -1.35 5.33 12.27
CA ALA A 244 0.06 5.48 12.64
C ALA A 244 0.98 4.66 11.73
N GLN A 245 0.67 4.60 10.43
CA GLN A 245 1.44 3.78 9.49
C GLN A 245 2.54 4.60 8.85
N THR A 246 2.28 5.89 8.75
CA THR A 246 3.23 6.88 8.28
C THR A 246 3.10 8.07 9.21
N TRP A 247 4.22 8.69 9.55
CA TRP A 247 4.24 9.70 10.61
C TRP A 247 4.63 11.08 10.11
N SER A 248 4.75 11.29 8.80
CA SER A 248 5.31 12.58 8.35
C SER A 248 4.41 13.81 8.60
N ASN A 249 3.13 13.63 8.90
CA ASN A 249 2.29 14.77 9.21
C ASN A 249 2.63 15.42 10.58
N ILE A 250 3.41 14.75 11.43
CA ILE A 250 3.88 15.40 12.67
C ILE A 250 5.30 15.97 12.55
N TYR A 251 5.76 16.12 11.30
CA TYR A 251 7.09 16.72 11.04
C TYR A 251 7.26 17.99 11.89
N ASP A 252 6.24 18.85 11.93
CA ASP A 252 6.32 20.09 12.72
C ASP A 252 6.68 19.89 14.18
N LEU A 253 6.34 18.74 14.76
CA LEU A 253 6.63 18.46 16.17
C LEU A 253 8.04 17.93 16.39
N VAL A 254 8.69 17.45 15.34
CA VAL A 254 9.97 16.74 15.46
C VAL A 254 11.13 17.29 14.65
N VAL A 255 10.94 18.45 14.00
CA VAL A 255 11.97 19.05 13.16
C VAL A 255 13.35 18.99 13.83
N PRO A 256 14.33 18.32 13.21
CA PRO A 256 15.67 18.25 13.82
C PRO A 256 16.33 19.62 13.98
N PHE A 257 16.21 20.46 12.96
CA PHE A 257 16.79 21.80 13.00
C PHE A 257 15.69 22.84 12.70
N PRO A 258 14.96 23.28 13.76
CA PRO A 258 13.91 24.32 13.62
C PRO A 258 14.37 25.66 13.08
N SER A 259 15.69 25.92 13.13
CA SER A 259 16.26 27.11 12.49
C SER A 259 16.29 27.00 10.96
N ALA A 260 15.99 25.83 10.42
CA ALA A 260 15.91 25.61 8.98
C ALA A 260 14.49 25.13 8.64
N PRO A 261 13.49 26.02 8.77
CA PRO A 261 12.10 25.63 8.50
C PRO A 261 11.84 25.48 6.99
N SER A 262 10.81 24.70 6.65
CA SER A 262 10.45 24.45 5.24
C SER A 262 9.15 25.19 4.95
N MET A 263 8.99 25.63 3.71
CA MET A 263 7.70 26.17 3.22
C MET A 263 6.54 25.22 3.50
N ASP A 264 5.38 25.81 3.83
CA ASP A 264 4.15 25.04 4.04
C ASP A 264 3.71 24.59 2.64
N THR A 265 3.86 23.30 2.34
CA THR A 265 3.63 22.82 0.96
C THR A 265 2.15 22.80 0.54
N THR A 266 1.23 22.55 1.49
CA THR A 266 -0.21 22.58 1.17
C THR A 266 -0.68 23.99 0.77
N GLU A 267 -0.29 24.97 1.59
CA GLU A 267 -0.53 26.40 1.33
C GLU A 267 0.00 26.79 -0.05
N ALA A 268 1.21 26.33 -0.37
CA ALA A 268 1.87 26.69 -1.62
C ALA A 268 1.14 26.11 -2.82
N MET A 269 0.74 24.85 -2.70
CA MET A 269 -0.05 24.18 -3.73
C MET A 269 -1.40 24.90 -3.96
N LEU A 270 -2.10 25.20 -2.87
CA LEU A 270 -3.41 25.84 -2.98
C LEU A 270 -3.31 27.27 -3.52
N LYS A 271 -2.38 28.05 -3.00
CA LYS A 271 -2.22 29.43 -3.44
C LYS A 271 -1.81 29.52 -4.91
N GLN A 272 -1.10 28.49 -5.39
CA GLN A 272 -0.70 28.44 -6.79
C GLN A 272 -1.71 27.73 -7.69
N GLY A 273 -2.88 27.40 -7.16
CA GLY A 273 -3.98 26.84 -7.96
C GLY A 273 -3.77 25.40 -8.43
N TRP A 274 -2.93 24.65 -7.73
CA TRP A 274 -2.80 23.23 -8.01
C TRP A 274 -4.16 22.55 -7.89
N THR A 275 -4.41 21.58 -8.75
CA THR A 275 -5.65 20.83 -8.74
C THR A 275 -5.32 19.33 -8.86
N PRO A 276 -6.27 18.44 -8.55
CA PRO A 276 -5.98 17.01 -8.79
C PRO A 276 -5.49 16.68 -10.20
N ARG A 277 -6.13 17.25 -11.22
CA ARG A 277 -5.67 17.02 -12.60
C ARG A 277 -4.23 17.45 -12.81
N ARG A 278 -3.86 18.62 -12.31
CA ARG A 278 -2.48 19.08 -12.40
C ARG A 278 -1.55 18.08 -11.74
N MET A 279 -1.95 17.53 -10.59
CA MET A 279 -1.12 16.57 -9.86
C MET A 279 -0.83 15.35 -10.72
N PHE A 280 -1.88 14.85 -11.37
CA PHE A 280 -1.72 13.67 -12.23
C PHE A 280 -0.92 14.04 -13.50
N LYS A 281 -1.12 15.26 -14.00
CA LYS A 281 -0.38 15.73 -15.17
C LYS A 281 1.12 15.79 -14.88
N GLU A 282 1.47 16.26 -13.68
CA GLU A 282 2.86 16.30 -13.26
C GLU A 282 3.46 14.89 -13.18
N ALA A 283 2.69 13.93 -12.65
CA ALA A 283 3.14 12.53 -12.63
C ALA A 283 3.36 11.99 -14.04
N ASP A 284 2.39 12.23 -14.92
CA ASP A 284 2.51 11.81 -16.31
C ASP A 284 3.82 12.37 -16.92
N ASP A 285 4.08 13.65 -16.68
CA ASP A 285 5.32 14.24 -17.16
C ASP A 285 6.60 13.57 -16.65
N PHE A 286 6.61 13.17 -15.39
CA PHE A 286 7.78 12.52 -14.84
C PHE A 286 8.03 11.21 -15.60
N PHE A 287 6.97 10.41 -15.81
CA PHE A 287 7.11 9.15 -16.52
C PHE A 287 7.68 9.36 -17.93
N THR A 288 7.10 10.28 -18.69
CA THR A 288 7.54 10.54 -20.06
C THR A 288 8.95 11.15 -20.12
N SER A 289 9.33 11.91 -19.09
CA SER A 289 10.72 12.40 -19.00
C SER A 289 11.75 11.25 -18.93
N LEU A 290 11.35 10.10 -18.41
CA LEU A 290 12.23 8.92 -18.39
C LEU A 290 12.17 8.08 -19.69
N GLY A 291 11.39 8.55 -20.65
CA GLY A 291 11.14 7.78 -21.88
C GLY A 291 10.04 6.74 -21.75
N LEU A 292 9.33 6.75 -20.62
CA LEU A 292 8.26 5.80 -20.35
C LEU A 292 6.97 6.30 -21.01
N LEU A 293 5.94 5.47 -21.00
CA LEU A 293 4.73 5.72 -21.80
C LEU A 293 3.81 6.78 -21.17
N PRO A 294 3.24 7.67 -22.00
CA PRO A 294 2.21 8.54 -21.46
C PRO A 294 0.90 7.80 -21.35
N VAL A 295 0.06 8.17 -20.40
CA VAL A 295 -1.27 7.60 -20.32
C VAL A 295 -2.09 8.06 -21.53
N PRO A 296 -3.02 7.22 -22.00
CA PRO A 296 -3.76 7.59 -23.21
C PRO A 296 -4.80 8.68 -22.95
N PRO A 297 -5.25 9.36 -24.02
CA PRO A 297 -6.34 10.32 -23.85
C PRO A 297 -7.55 9.76 -23.10
N GLU A 298 -7.91 8.51 -23.38
CA GLU A 298 -9.04 7.86 -22.71
C GLU A 298 -8.93 7.91 -21.18
N PHE A 299 -7.71 7.76 -20.67
CA PHE A 299 -7.46 7.88 -19.22
C PHE A 299 -8.04 9.17 -18.65
N TRP A 300 -7.75 10.28 -19.30
CA TRP A 300 -8.23 11.60 -18.85
C TRP A 300 -9.75 11.75 -18.93
N ASN A 301 -10.37 11.10 -19.91
CA ASN A 301 -11.84 11.09 -20.05
C ASN A 301 -12.57 10.32 -18.97
N LYS A 302 -12.06 9.13 -18.67
CA LYS A 302 -12.78 8.14 -17.86
C LYS A 302 -12.38 8.04 -16.40
N SER A 303 -11.19 8.54 -16.05
CA SER A 303 -10.73 8.46 -14.65
C SER A 303 -11.60 9.29 -13.71
N MET A 304 -11.63 8.90 -12.44
CA MET A 304 -12.25 9.66 -11.35
C MET A 304 -11.13 10.19 -10.45
N LEU A 305 -10.71 11.43 -10.70
CA LEU A 305 -9.52 11.99 -10.05
C LEU A 305 -9.84 12.86 -8.83
N GLU A 306 -11.12 13.00 -8.53
CA GLU A 306 -11.54 13.68 -7.29
C GLU A 306 -12.88 13.13 -6.83
N LYS A 307 -13.23 13.45 -5.59
CA LYS A 307 -14.52 13.04 -5.03
C LYS A 307 -15.67 13.75 -5.74
N PRO A 308 -16.65 12.99 -6.26
CA PRO A 308 -17.77 13.64 -6.96
C PRO A 308 -18.59 14.52 -6.04
N THR A 309 -19.20 15.54 -6.61
CA THR A 309 -20.00 16.53 -5.88
C THR A 309 -21.50 16.35 -6.09
N ASP A 310 -21.89 15.35 -6.87
CA ASP A 310 -23.29 15.17 -7.28
C ASP A 310 -24.08 14.27 -6.32
N GLY A 311 -23.86 14.46 -5.01
CA GLY A 311 -24.54 13.67 -3.98
C GLY A 311 -24.46 12.18 -4.23
N ARG A 312 -23.29 11.59 -3.97
CA ARG A 312 -23.00 10.22 -4.38
C ARG A 312 -21.97 9.52 -3.51
N GLU A 313 -22.15 8.21 -3.32
CA GLU A 313 -21.22 7.40 -2.56
C GLU A 313 -20.22 6.68 -3.49
N VAL A 314 -18.93 6.80 -3.17
CA VAL A 314 -17.88 6.14 -3.92
C VAL A 314 -16.92 5.46 -2.96
N VAL A 315 -16.12 4.53 -3.46
CA VAL A 315 -14.99 4.02 -2.71
C VAL A 315 -13.86 5.01 -2.96
N CYS A 316 -13.55 5.83 -1.95
CA CYS A 316 -12.52 6.85 -2.08
C CYS A 316 -11.08 6.33 -2.18
N HIS A 317 -10.82 5.15 -1.62
CA HIS A 317 -9.44 4.67 -1.51
C HIS A 317 -8.79 4.62 -2.91
N ALA A 318 -7.58 5.15 -3.01
CA ALA A 318 -6.90 5.31 -4.29
C ALA A 318 -6.63 3.96 -4.92
N SER A 319 -6.98 3.82 -6.19
CA SER A 319 -6.70 2.60 -6.93
C SER A 319 -6.55 2.84 -8.43
N ALA A 320 -5.85 1.92 -9.07
CA ALA A 320 -5.58 1.92 -10.50
C ALA A 320 -6.20 0.68 -11.13
N TRP A 321 -6.72 0.85 -12.33
CA TRP A 321 -7.62 -0.13 -12.95
C TRP A 321 -7.18 -0.48 -14.36
N ASP A 322 -6.94 -1.76 -14.59
CA ASP A 322 -6.70 -2.30 -15.93
C ASP A 322 -8.00 -2.92 -16.45
N PHE A 323 -8.48 -2.47 -17.61
CA PHE A 323 -9.70 -3.04 -18.19
C PHE A 323 -9.46 -4.17 -19.20
N TYR A 324 -8.22 -4.67 -19.24
CA TYR A 324 -7.88 -5.91 -19.97
C TYR A 324 -8.18 -5.91 -21.46
N ASN A 325 -8.13 -4.73 -22.07
CA ASN A 325 -8.20 -4.61 -23.52
C ASN A 325 -7.02 -3.87 -24.12
N GLY A 326 -6.03 -3.52 -23.29
CA GLY A 326 -4.81 -2.83 -23.76
C GLY A 326 -4.94 -1.38 -24.16
N LYS A 327 -6.08 -0.75 -23.85
CA LYS A 327 -6.35 0.65 -24.21
C LYS A 327 -6.88 1.50 -23.06
N ASP A 328 -7.68 0.88 -22.19
CA ASP A 328 -8.50 1.56 -21.21
C ASP A 328 -7.92 1.31 -19.82
N PHE A 329 -7.33 2.34 -19.25
CA PHE A 329 -6.68 2.27 -17.94
C PHE A 329 -7.14 3.50 -17.20
N ARG A 330 -7.49 3.35 -15.91
CA ARG A 330 -8.07 4.45 -15.14
C ARG A 330 -7.59 4.47 -13.69
N ILE A 331 -7.54 5.67 -13.13
CA ILE A 331 -7.36 5.82 -11.70
C ILE A 331 -8.66 6.32 -11.06
N LYS A 332 -8.93 5.79 -9.86
CA LYS A 332 -10.05 6.20 -9.00
C LYS A 332 -9.47 6.66 -7.68
N GLN A 333 -9.48 7.96 -7.43
CA GLN A 333 -8.91 8.53 -6.21
C GLN A 333 -9.64 9.80 -5.79
N CYS A 334 -10.00 9.88 -4.50
CA CYS A 334 -10.58 11.10 -3.94
C CYS A 334 -9.45 12.07 -3.57
N THR A 335 -8.79 12.60 -4.59
CA THR A 335 -7.56 13.35 -4.40
C THR A 335 -7.79 14.65 -3.62
N THR A 336 -6.91 14.92 -2.66
CA THR A 336 -6.84 16.21 -1.95
C THR A 336 -5.59 16.94 -2.43
N VAL A 337 -5.66 18.28 -2.51
CA VAL A 337 -4.53 19.06 -3.00
C VAL A 337 -3.52 19.26 -1.86
N ASN A 338 -2.59 18.30 -1.74
CA ASN A 338 -1.50 18.39 -0.79
C ASN A 338 -0.37 17.47 -1.21
N LEU A 339 0.76 17.56 -0.52
CA LEU A 339 1.96 16.85 -0.95
C LEU A 339 1.84 15.33 -0.77
N GLU A 340 1.18 14.93 0.32
CA GLU A 340 0.96 13.51 0.59
C GLU A 340 0.22 12.86 -0.57
N ASP A 341 -0.83 13.52 -1.05
CA ASP A 341 -1.62 12.98 -2.16
C ASP A 341 -0.95 13.15 -3.52
N LEU A 342 0.00 14.07 -3.63
CA LEU A 342 0.85 14.15 -4.82
C LEU A 342 1.67 12.87 -4.95
N VAL A 343 2.26 12.44 -3.84
CA VAL A 343 2.99 11.18 -3.79
C VAL A 343 2.08 9.98 -4.14
N VAL A 344 0.90 9.90 -3.53
CA VAL A 344 -0.09 8.86 -3.87
C VAL A 344 -0.41 8.88 -5.38
N ALA A 345 -0.52 10.07 -5.96
CA ALA A 345 -0.84 10.16 -7.39
C ALA A 345 0.26 9.52 -8.24
N HIS A 346 1.52 9.72 -7.84
CA HIS A 346 2.67 9.08 -8.52
C HIS A 346 2.63 7.56 -8.35
N HIS A 347 2.35 7.09 -7.13
CA HIS A 347 2.17 5.68 -6.83
C HIS A 347 1.16 5.05 -7.76
N GLU A 348 -0.01 5.68 -7.88
CA GLU A 348 -1.08 5.14 -8.73
C GLU A 348 -0.74 5.15 -10.21
N MET A 349 0.01 6.16 -10.64
CA MET A 349 0.44 6.27 -12.02
C MET A 349 1.49 5.22 -12.37
N GLY A 350 2.21 4.73 -11.36
CA GLY A 350 3.16 3.65 -11.54
C GLY A 350 2.45 2.35 -11.86
N HIS A 351 1.29 2.15 -11.23
CA HIS A 351 0.43 1.00 -11.56
C HIS A 351 -0.04 1.08 -13.01
N ILE A 352 -0.51 2.26 -13.42
CA ILE A 352 -0.95 2.52 -14.81
C ILE A 352 0.21 2.27 -15.79
N GLN A 353 1.41 2.77 -15.48
CA GLN A 353 2.58 2.49 -16.32
C GLN A 353 2.83 0.98 -16.51
N TYR A 354 2.73 0.24 -15.41
CA TYR A 354 2.96 -1.20 -15.47
C TYR A 354 1.91 -1.86 -16.38
N PHE A 355 0.65 -1.47 -16.23
CA PHE A 355 -0.42 -1.97 -17.11
C PHE A 355 -0.04 -1.75 -18.57
N MET A 356 0.41 -0.55 -18.90
CA MET A 356 0.72 -0.22 -20.30
C MET A 356 1.92 -0.99 -20.81
N GLN A 357 2.90 -1.24 -19.92
CA GLN A 357 4.13 -1.95 -20.32
C GLN A 357 3.92 -3.43 -20.60
N TYR A 358 3.03 -4.10 -19.86
CA TYR A 358 2.84 -5.53 -20.07
C TYR A 358 1.58 -5.87 -20.89
N LYS A 359 1.05 -4.88 -21.60
CA LYS A 359 -0.28 -5.01 -22.21
C LYS A 359 -0.35 -6.01 -23.37
N ASP A 360 0.80 -6.34 -23.97
CA ASP A 360 0.89 -7.33 -25.06
C ASP A 360 1.16 -8.76 -24.59
N LEU A 361 1.30 -8.97 -23.29
CA LEU A 361 1.39 -10.31 -22.74
C LEU A 361 0.02 -10.95 -22.68
N PRO A 362 -0.02 -12.29 -22.62
CA PRO A 362 -1.27 -12.97 -22.32
C PRO A 362 -1.78 -12.51 -20.97
N VAL A 363 -3.10 -12.28 -20.85
CA VAL A 363 -3.67 -11.72 -19.62
C VAL A 363 -3.28 -12.45 -18.33
N ALA A 364 -3.08 -13.76 -18.40
CA ALA A 364 -2.57 -14.54 -17.25
C ALA A 364 -1.23 -14.08 -16.70
N LEU A 365 -0.45 -13.41 -17.54
CA LEU A 365 0.87 -12.94 -17.16
C LEU A 365 0.93 -11.41 -17.04
N ARG A 366 -0.24 -10.77 -17.06
CA ARG A 366 -0.35 -9.32 -16.88
C ARG A 366 -0.45 -9.00 -15.39
N GLU A 367 0.66 -9.23 -14.71
CA GLU A 367 0.84 -8.87 -13.32
C GLU A 367 2.28 -8.42 -13.14
N GLY A 368 2.60 -7.85 -11.98
CA GLY A 368 3.96 -7.45 -11.68
C GLY A 368 4.84 -8.67 -11.50
N ALA A 369 6.15 -8.50 -11.54
CA ALA A 369 7.06 -9.62 -11.33
C ALA A 369 6.74 -10.33 -10.02
N ASN A 370 6.49 -9.56 -8.97
CA ASN A 370 5.67 -9.99 -7.84
C ASN A 370 4.81 -8.77 -7.44
N PRO A 371 3.85 -8.95 -6.51
CA PRO A 371 2.97 -7.82 -6.23
C PRO A 371 3.67 -6.57 -5.70
N GLY A 372 4.79 -6.77 -5.02
CA GLY A 372 5.56 -5.68 -4.50
C GLY A 372 6.16 -4.82 -5.60
N PHE A 373 6.59 -5.44 -6.70
CA PHE A 373 7.08 -4.69 -7.87
C PHE A 373 6.03 -3.72 -8.41
N HIS A 374 4.77 -4.16 -8.49
CA HIS A 374 3.66 -3.33 -8.95
C HIS A 374 3.50 -2.09 -8.05
N GLU A 375 3.64 -2.28 -6.75
CA GLU A 375 3.51 -1.18 -5.78
C GLU A 375 4.68 -0.20 -5.81
N ALA A 376 5.86 -0.67 -6.19
CA ALA A 376 7.11 0.10 -6.06
C ALA A 376 7.37 1.10 -7.17
N ILE A 377 6.84 0.87 -8.38
CA ILE A 377 7.27 1.66 -9.54
C ILE A 377 6.98 3.15 -9.29
N GLY A 378 5.73 3.46 -8.95
CA GLY A 378 5.34 4.84 -8.72
C GLY A 378 6.09 5.48 -7.57
N ASP A 379 6.28 4.72 -6.49
CA ASP A 379 7.04 5.20 -5.33
C ASP A 379 8.51 5.54 -5.68
N VAL A 380 9.11 4.78 -6.59
CA VAL A 380 10.49 5.07 -6.99
C VAL A 380 10.55 6.47 -7.59
N LEU A 381 9.68 6.78 -8.55
CA LEU A 381 9.66 8.13 -9.11
C LEU A 381 9.35 9.17 -8.04
N ALA A 382 8.47 8.84 -7.10
CA ALA A 382 8.09 9.79 -6.07
C ALA A 382 9.25 10.11 -5.13
N LEU A 383 10.19 9.19 -4.97
CA LEU A 383 11.39 9.51 -4.19
C LEU A 383 12.16 10.68 -4.78
N SER A 384 12.26 10.73 -6.09
CA SER A 384 12.92 11.84 -6.79
C SER A 384 12.06 13.09 -6.75
N VAL A 385 10.75 12.90 -6.90
CA VAL A 385 9.78 14.02 -6.85
C VAL A 385 9.87 14.76 -5.49
N SER A 386 10.12 13.98 -4.44
CA SER A 386 10.15 14.44 -3.06
C SER A 386 11.44 15.20 -2.68
N THR A 387 12.49 15.15 -3.50
CA THR A 387 13.73 15.80 -3.15
C THR A 387 13.52 17.32 -3.04
N PRO A 388 14.19 17.98 -2.09
CA PRO A 388 14.08 19.44 -2.08
C PRO A 388 14.38 20.10 -3.43
N LYS A 389 15.37 19.58 -4.17
CA LYS A 389 15.62 20.00 -5.55
C LYS A 389 14.38 19.99 -6.44
N HIS A 390 13.68 18.86 -6.50
CA HIS A 390 12.55 18.78 -7.40
C HIS A 390 11.39 19.62 -6.89
N LEU A 391 11.16 19.62 -5.56
CA LEU A 391 10.04 20.37 -4.98
C LEU A 391 10.25 21.87 -5.11
N HIS A 392 11.50 22.33 -4.94
CA HIS A 392 11.82 23.73 -5.25
C HIS A 392 11.50 24.10 -6.70
N SER A 393 11.76 23.17 -7.62
CA SER A 393 11.47 23.43 -9.04
C SER A 393 9.97 23.47 -9.33
N LEU A 394 9.17 22.91 -8.42
CA LEU A 394 7.71 22.99 -8.54
C LEU A 394 7.17 24.21 -7.76
N ASN A 395 8.08 24.98 -7.14
CA ASN A 395 7.75 26.13 -6.31
C ASN A 395 6.96 25.78 -5.04
N LEU A 396 7.21 24.58 -4.52
CA LEU A 396 6.53 24.15 -3.30
C LEU A 396 7.46 24.21 -2.10
N LEU A 397 8.74 24.44 -2.35
CA LEU A 397 9.71 24.72 -1.29
C LEU A 397 10.60 25.88 -1.74
N SER A 398 11.18 26.56 -0.77
CA SER A 398 12.25 27.51 -1.06
C SER A 398 13.52 26.72 -1.36
N SER A 399 14.58 27.41 -1.76
CA SER A 399 15.87 26.78 -1.96
C SER A 399 16.44 26.27 -0.62
N GLU A 400 16.52 24.94 -0.49
CA GLU A 400 17.04 24.29 0.72
C GLU A 400 18.39 23.62 0.45
N GLY A 401 18.96 23.90 -0.72
CA GLY A 401 20.23 23.34 -1.12
C GLY A 401 21.35 23.85 -0.24
N GLY A 402 22.39 23.04 -0.11
CA GLY A 402 23.52 23.38 0.73
C GLY A 402 23.36 22.76 2.11
N SER A 403 22.72 23.49 3.02
CA SER A 403 22.98 23.31 4.44
C SER A 403 22.83 21.87 4.93
N ASP A 404 23.70 21.49 5.87
N ASP A 404 23.70 21.50 5.87
CA ASP A 404 23.58 20.19 6.53
CA ASP A 404 23.63 20.24 6.60
C ASP A 404 22.32 20.16 7.41
C ASP A 404 22.29 20.18 7.36
N GLU A 405 21.88 21.33 7.88
CA GLU A 405 20.61 21.44 8.61
C GLU A 405 19.42 21.00 7.75
N HIS A 406 19.23 21.61 6.59
CA HIS A 406 18.10 21.25 5.72
C HIS A 406 18.16 19.78 5.28
N ASP A 407 19.37 19.27 5.18
CA ASP A 407 19.64 17.92 4.70
C ASP A 407 19.15 16.84 5.70
N ILE A 408 19.50 17.01 6.96
CA ILE A 408 19.02 16.13 8.03
C ILE A 408 17.50 16.27 8.20
N ASN A 409 17.02 17.49 8.08
CA ASN A 409 15.58 17.74 8.09
C ASN A 409 14.87 16.96 6.99
N PHE A 410 15.38 17.04 5.77
CA PHE A 410 14.79 16.30 4.66
C PHE A 410 14.76 14.79 4.95
N LEU A 411 15.89 14.25 5.42
CA LEU A 411 15.96 12.82 5.77
C LEU A 411 14.94 12.42 6.83
N MET A 412 14.77 13.26 7.84
CA MET A 412 13.74 13.02 8.89
C MET A 412 12.32 12.98 8.30
N LYS A 413 12.01 13.95 7.46
CA LYS A 413 10.73 13.98 6.78
C LYS A 413 10.50 12.67 6.01
N MET A 414 11.50 12.20 5.26
CA MET A 414 11.35 10.93 4.53
C MET A 414 11.24 9.73 5.47
N ALA A 415 12.04 9.75 6.52
CA ALA A 415 12.09 8.63 7.46
C ALA A 415 10.74 8.43 8.14
N LEU A 416 10.09 9.52 8.50
CA LEU A 416 8.78 9.47 9.18
C LEU A 416 7.76 8.65 8.38
N ASP A 417 7.87 8.65 7.06
CA ASP A 417 7.01 7.78 6.25
C ASP A 417 7.64 6.43 5.96
N LYS A 418 8.84 6.43 5.40
CA LYS A 418 9.42 5.20 4.86
C LYS A 418 9.85 4.19 5.92
N ILE A 419 10.51 4.67 6.97
CA ILE A 419 10.94 3.78 8.06
C ILE A 419 9.77 3.39 8.97
N ALA A 420 8.93 4.35 9.38
CA ALA A 420 7.80 4.01 10.24
C ALA A 420 6.85 2.95 9.63
N PHE A 421 6.74 2.97 8.31
CA PHE A 421 5.83 2.04 7.63
C PHE A 421 6.30 0.59 7.67
N ILE A 422 7.60 0.36 7.77
CA ILE A 422 8.12 -1.00 7.76
C ILE A 422 7.49 -1.88 8.86
N PRO A 423 7.56 -1.46 10.14
CA PRO A 423 6.91 -2.28 11.17
C PRO A 423 5.38 -2.40 10.99
N PHE A 424 4.72 -1.31 10.60
CA PHE A 424 3.28 -1.38 10.32
C PHE A 424 2.90 -2.42 9.26
N SER A 425 3.57 -2.41 8.11
CA SER A 425 3.24 -3.36 7.06
C SER A 425 3.56 -4.78 7.51
N TYR A 426 4.63 -4.95 8.28
CA TYR A 426 4.97 -6.24 8.89
C TYR A 426 3.86 -6.74 9.82
N LEU A 427 3.33 -5.84 10.63
CA LEU A 427 2.25 -6.12 11.59
C LEU A 427 1.00 -6.60 10.88
N VAL A 428 0.57 -5.85 9.87
CA VAL A 428 -0.67 -6.17 9.17
C VAL A 428 -0.52 -7.55 8.51
N THR A 429 0.64 -7.77 7.89
CA THR A 429 0.97 -9.03 7.25
C THR A 429 0.89 -10.19 8.25
N GLN A 430 1.56 -10.03 9.38
CA GLN A 430 1.59 -11.09 10.38
C GLN A 430 0.21 -11.35 11.00
N TRP A 431 -0.54 -10.31 11.33
CA TRP A 431 -1.85 -10.50 11.92
C TRP A 431 -2.75 -11.35 11.02
N ARG A 432 -2.86 -10.97 9.75
CA ARG A 432 -3.77 -11.68 8.85
C ARG A 432 -3.27 -13.07 8.51
N TRP A 433 -1.94 -13.22 8.43
CA TRP A 433 -1.30 -14.53 8.28
C TRP A 433 -1.82 -15.49 9.35
N ARG A 434 -1.82 -15.01 10.60
N ARG A 434 -1.81 -15.02 10.59
CA ARG A 434 -2.18 -15.85 11.75
CA ARG A 434 -2.18 -15.86 11.73
C ARG A 434 -3.68 -16.00 11.95
C ARG A 434 -3.68 -16.07 11.84
N VAL A 435 -4.47 -15.08 11.44
CA VAL A 435 -5.91 -15.27 11.33
C VAL A 435 -6.21 -16.39 10.31
N PHE A 436 -5.62 -16.28 9.13
CA PHE A 436 -5.84 -17.29 8.08
C PHE A 436 -5.35 -18.68 8.50
N ASP A 437 -4.21 -18.77 9.18
CA ASP A 437 -3.73 -20.10 9.59
C ASP A 437 -4.36 -20.62 10.86
N GLY A 438 -5.26 -19.85 11.47
CA GLY A 438 -5.98 -20.32 12.62
C GLY A 438 -5.36 -20.00 13.96
N SER A 439 -4.14 -19.43 13.99
CA SER A 439 -3.44 -19.10 15.23
C SER A 439 -4.11 -18.01 16.03
N ILE A 440 -4.86 -17.16 15.34
CA ILE A 440 -5.71 -16.15 15.94
C ILE A 440 -7.14 -16.45 15.52
N THR A 441 -8.04 -16.56 16.49
CA THR A 441 -9.46 -16.81 16.22
C THR A 441 -10.26 -15.55 16.52
N LYS A 442 -11.56 -15.57 16.24
CA LYS A 442 -12.43 -14.43 16.55
C LYS A 442 -12.49 -14.10 18.03
N GLU A 443 -12.14 -15.05 18.89
CA GLU A 443 -12.07 -14.77 20.32
C GLU A 443 -10.94 -13.76 20.63
N ASN A 444 -9.89 -13.73 19.81
CA ASN A 444 -8.76 -12.87 20.12
C ASN A 444 -8.25 -11.98 19.00
N TYR A 445 -9.08 -11.76 17.98
CA TYR A 445 -8.73 -10.85 16.90
C TYR A 445 -8.07 -9.57 17.42
N ASN A 446 -8.78 -8.84 18.28
CA ASN A 446 -8.37 -7.50 18.65
C ASN A 446 -7.22 -7.49 19.63
N GLN A 447 -7.24 -8.43 20.56
CA GLN A 447 -6.18 -8.54 21.55
C GLN A 447 -4.85 -8.87 20.88
N GLU A 448 -4.88 -9.75 19.89
CA GLU A 448 -3.66 -10.08 19.18
C GLU A 448 -3.21 -8.96 18.24
N TRP A 449 -4.14 -8.24 17.63
CA TRP A 449 -3.80 -7.02 16.89
C TRP A 449 -2.97 -6.09 17.78
N TRP A 450 -3.45 -5.81 18.98
CA TRP A 450 -2.74 -4.89 19.88
C TRP A 450 -1.44 -5.46 20.44
N SER A 451 -1.37 -6.79 20.66
CA SER A 451 -0.09 -7.44 21.02
C SER A 451 0.96 -7.22 19.97
N LEU A 452 0.56 -7.32 18.70
CA LEU A 452 1.47 -7.10 17.60
C LEU A 452 1.81 -5.63 17.35
N ARG A 453 0.82 -4.74 17.53
CA ARG A 453 1.04 -3.30 17.53
C ARG A 453 2.13 -2.92 18.52
N LEU A 454 2.10 -3.55 19.67
CA LEU A 454 3.11 -3.30 20.69
C LEU A 454 4.43 -3.92 20.24
N LYS A 455 4.39 -5.20 19.91
CA LYS A 455 5.63 -5.95 19.65
C LYS A 455 6.43 -5.37 18.50
N TYR A 456 5.75 -5.02 17.39
CA TYR A 456 6.46 -4.57 16.18
C TYR A 456 6.60 -3.06 16.04
N GLN A 457 5.55 -2.29 16.36
CA GLN A 457 5.59 -0.82 16.20
C GLN A 457 5.88 -0.05 17.50
N GLY A 458 5.73 -0.70 18.65
CA GLY A 458 5.90 0.06 19.91
C GLY A 458 4.82 1.09 20.13
N LEU A 459 3.59 0.74 19.77
CA LEU A 459 2.40 1.57 19.99
C LEU A 459 1.39 0.93 20.97
N CYS A 460 0.62 1.78 21.64
CA CYS A 460 -0.45 1.34 22.53
C CYS A 460 -1.75 2.05 22.18
N PRO A 461 -2.89 1.41 22.48
CA PRO A 461 -4.15 2.10 22.20
C PRO A 461 -4.37 3.16 23.27
N PRO A 462 -4.89 4.35 22.88
CA PRO A 462 -5.04 5.43 23.84
C PRO A 462 -6.21 5.20 24.81
N VAL A 463 -7.18 4.39 24.37
CA VAL A 463 -8.32 4.01 25.20
C VAL A 463 -8.35 2.49 25.23
N PRO A 464 -8.50 1.89 26.42
CA PRO A 464 -8.60 0.44 26.46
C PRO A 464 -9.70 -0.09 25.53
N ARG A 465 -9.41 -1.21 24.86
CA ARG A 465 -10.34 -1.78 23.93
C ARG A 465 -11.33 -2.61 24.73
N THR A 466 -12.51 -2.79 24.15
CA THR A 466 -13.58 -3.53 24.80
C THR A 466 -14.04 -4.65 23.88
N GLN A 467 -14.84 -5.55 24.44
CA GLN A 467 -15.37 -6.66 23.66
C GLN A 467 -16.22 -6.05 22.56
N GLY A 468 -16.15 -6.64 21.38
CA GLY A 468 -16.89 -6.08 20.26
C GLY A 468 -16.08 -5.09 19.44
N ASP A 469 -14.92 -4.64 19.95
CA ASP A 469 -14.05 -3.79 19.11
C ASP A 469 -13.37 -4.69 18.10
N PHE A 470 -13.17 -4.17 16.88
CA PHE A 470 -12.47 -4.87 15.81
C PHE A 470 -11.68 -3.83 15.01
N ASP A 471 -10.60 -3.36 15.64
CA ASP A 471 -9.81 -2.27 15.09
C ASP A 471 -9.19 -2.60 13.72
N PRO A 472 -8.79 -3.86 13.45
CA PRO A 472 -8.30 -4.13 12.09
C PRO A 472 -9.32 -3.83 10.99
N GLY A 473 -10.60 -3.95 11.32
CA GLY A 473 -11.72 -3.61 10.44
C GLY A 473 -11.72 -2.17 10.00
N ALA A 474 -11.11 -1.30 10.80
CA ALA A 474 -11.03 0.14 10.49
C ALA A 474 -9.85 0.50 9.56
N LYS A 475 -9.17 -0.49 9.02
CA LYS A 475 -8.10 -0.29 8.02
C LYS A 475 -8.59 -0.88 6.72
N PHE A 476 -8.61 -0.08 5.65
CA PHE A 476 -9.22 -0.43 4.36
C PHE A 476 -8.95 -1.85 3.87
N HIS A 477 -7.69 -2.24 3.88
CA HIS A 477 -7.25 -3.48 3.25
C HIS A 477 -7.83 -4.71 3.91
N ILE A 478 -8.24 -4.59 5.17
CA ILE A 478 -8.84 -5.69 5.90
C ILE A 478 -10.27 -6.01 5.34
N PRO A 479 -11.23 -5.09 5.46
CA PRO A 479 -12.52 -5.42 4.83
C PRO A 479 -12.48 -5.59 3.31
N SER A 480 -11.55 -4.91 2.64
CA SER A 480 -11.44 -4.98 1.18
C SER A 480 -10.67 -6.21 0.69
N SER A 481 -10.11 -6.99 1.62
CA SER A 481 -9.41 -8.20 1.27
C SER A 481 -8.31 -7.94 0.24
N VAL A 482 -7.46 -6.96 0.52
CA VAL A 482 -6.32 -6.65 -0.30
C VAL A 482 -5.06 -7.04 0.47
N PRO A 483 -4.25 -7.94 -0.10
CA PRO A 483 -3.01 -8.37 0.58
C PRO A 483 -2.06 -7.21 0.92
N TYR A 484 -1.34 -7.34 2.02
CA TYR A 484 -0.51 -6.24 2.55
C TYR A 484 0.99 -6.45 2.45
N ILE A 485 1.42 -7.71 2.32
CA ILE A 485 2.84 -8.06 2.20
C ILE A 485 3.51 -7.32 1.03
N ARG A 486 2.76 -7.09 -0.05
CA ARG A 486 3.19 -6.28 -1.18
C ARG A 486 3.79 -4.93 -0.78
N TYR A 487 3.25 -4.29 0.24
CA TYR A 487 3.69 -2.94 0.61
C TYR A 487 5.01 -2.96 1.39
N PHE A 488 5.18 -3.97 2.23
CA PHE A 488 6.45 -4.19 2.92
C PHE A 488 7.56 -4.41 1.87
N VAL A 489 7.32 -5.35 0.98
CA VAL A 489 8.25 -5.63 -0.12
C VAL A 489 8.54 -4.35 -0.90
N SER A 490 7.49 -3.62 -1.28
CA SER A 490 7.64 -2.37 -2.04
C SER A 490 8.63 -1.40 -1.38
N PHE A 491 8.41 -1.16 -0.10
CA PHE A 491 9.22 -0.20 0.63
C PHE A 491 10.67 -0.61 0.70
N ILE A 492 10.95 -1.91 0.72
CA ILE A 492 12.36 -2.32 0.69
C ILE A 492 12.91 -2.15 -0.71
N ILE A 493 12.20 -2.69 -1.70
CA ILE A 493 12.80 -2.76 -3.03
C ILE A 493 12.86 -1.42 -3.75
N GLN A 494 11.94 -0.51 -3.43
CA GLN A 494 11.94 0.79 -4.09
C GLN A 494 13.27 1.55 -3.86
N PHE A 495 13.90 1.36 -2.70
CA PHE A 495 15.19 1.98 -2.48
C PHE A 495 16.29 1.28 -3.29
N GLN A 496 16.21 -0.05 -3.41
CA GLN A 496 17.09 -0.79 -4.34
C GLN A 496 16.99 -0.27 -5.75
N PHE A 497 15.76 -0.04 -6.20
CA PHE A 497 15.55 0.49 -7.53
C PHE A 497 16.06 1.93 -7.65
N HIS A 498 15.77 2.77 -6.67
CA HIS A 498 16.28 4.13 -6.66
C HIS A 498 17.83 4.14 -6.79
N GLU A 499 18.50 3.34 -5.96
CA GLU A 499 19.97 3.26 -5.97
C GLU A 499 20.50 2.82 -7.35
N ALA A 500 19.87 1.82 -7.93
CA ALA A 500 20.26 1.34 -9.26
C ALA A 500 20.00 2.39 -10.35
N LEU A 501 18.83 3.01 -10.34
CA LEU A 501 18.49 3.99 -11.36
C LEU A 501 19.36 5.23 -11.26
N CYS A 502 19.72 5.58 -10.04
CA CYS A 502 20.59 6.72 -9.80
C CYS A 502 22.00 6.50 -10.36
N GLN A 503 22.56 5.29 -10.19
CA GLN A 503 23.87 4.99 -10.78
C GLN A 503 23.75 4.90 -12.31
N ALA A 504 22.66 4.33 -12.80
CA ALA A 504 22.32 4.38 -14.24
C ALA A 504 22.29 5.82 -14.82
N ALA A 505 21.80 6.77 -14.02
CA ALA A 505 21.71 8.18 -14.44
C ALA A 505 23.01 8.97 -14.18
N GLY A 506 24.01 8.31 -13.58
CA GLY A 506 25.30 8.94 -13.30
C GLY A 506 25.32 9.85 -12.09
N HIS A 507 24.43 9.64 -11.13
CA HIS A 507 24.47 10.41 -9.90
C HIS A 507 25.71 10.04 -9.10
N THR A 508 26.36 11.06 -8.55
CA THR A 508 27.42 10.87 -7.58
C THR A 508 27.03 11.61 -6.33
N GLY A 509 27.63 11.22 -5.20
CA GLY A 509 27.29 11.76 -3.91
C GLY A 509 26.20 10.95 -3.21
N PRO A 510 25.80 11.40 -2.00
CA PRO A 510 24.83 10.70 -1.18
C PRO A 510 23.56 10.31 -1.96
N LEU A 511 23.15 9.06 -1.80
CA LEU A 511 21.97 8.53 -2.51
C LEU A 511 20.73 9.41 -2.37
N HIS A 512 20.52 9.97 -1.18
CA HIS A 512 19.30 10.74 -0.93
C HIS A 512 19.23 12.05 -1.72
N LYS A 513 20.35 12.50 -2.27
CA LYS A 513 20.34 13.70 -3.11
C LYS A 513 20.01 13.44 -4.58
N CYS A 514 19.83 12.17 -4.94
CA CYS A 514 19.55 11.79 -6.32
C CYS A 514 18.17 12.19 -6.80
N ASP A 515 18.09 12.69 -8.03
CA ASP A 515 16.82 12.99 -8.66
C ASP A 515 16.95 12.48 -10.08
N ILE A 516 16.12 11.50 -10.44
CA ILE A 516 16.29 10.83 -11.76
C ILE A 516 15.54 11.48 -12.92
N TYR A 517 14.92 12.63 -12.67
CA TYR A 517 14.12 13.32 -13.69
C TYR A 517 14.90 13.45 -14.99
N GLN A 518 14.20 13.11 -16.09
CA GLN A 518 14.69 13.14 -17.47
C GLN A 518 15.69 12.04 -17.87
N SER A 519 15.99 11.10 -16.98
CA SER A 519 16.96 10.08 -17.32
C SER A 519 16.36 8.96 -18.16
N LYS A 520 16.75 8.89 -19.44
CA LYS A 520 16.27 7.81 -20.33
C LYS A 520 16.93 6.48 -19.98
N GLU A 521 18.15 6.54 -19.46
CA GLU A 521 18.87 5.35 -19.01
C GLU A 521 18.13 4.67 -17.85
N ALA A 522 17.63 5.49 -16.92
CA ALA A 522 16.82 4.99 -15.81
C ALA A 522 15.49 4.43 -16.31
N GLY A 523 14.84 5.16 -17.21
CA GLY A 523 13.61 4.71 -17.83
C GLY A 523 13.72 3.35 -18.49
N GLN A 524 14.83 3.13 -19.19
CA GLN A 524 15.05 1.88 -19.89
C GLN A 524 15.13 0.69 -18.97
N ARG A 525 15.82 0.85 -17.84
CA ARG A 525 15.94 -0.22 -16.83
C ARG A 525 14.59 -0.68 -16.35
N LEU A 526 13.77 0.30 -15.97
CA LEU A 526 12.41 0.06 -15.54
C LEU A 526 11.56 -0.62 -16.61
N ALA A 527 11.60 -0.07 -17.83
CA ALA A 527 10.74 -0.54 -18.89
C ALA A 527 11.00 -2.01 -19.21
N THR A 528 12.27 -2.40 -19.27
CA THR A 528 12.64 -3.76 -19.63
C THR A 528 12.13 -4.74 -18.60
N ALA A 529 12.20 -4.33 -17.33
CA ALA A 529 11.69 -5.15 -16.22
C ALA A 529 10.17 -5.25 -16.27
N MET A 530 9.50 -4.12 -16.48
CA MET A 530 8.03 -4.09 -16.46
C MET A 530 7.44 -4.89 -17.61
N LYS A 531 8.06 -4.79 -18.79
CA LYS A 531 7.63 -5.61 -19.95
C LYS A 531 7.58 -7.14 -19.71
N LEU A 532 8.31 -7.65 -18.72
CA LEU A 532 8.27 -9.09 -18.39
C LEU A 532 6.94 -9.50 -17.74
N GLY A 533 6.20 -8.54 -17.20
CA GLY A 533 5.04 -8.87 -16.37
C GLY A 533 5.39 -9.99 -15.39
N PHE A 534 4.58 -11.06 -15.41
CA PHE A 534 4.68 -12.21 -14.52
C PHE A 534 5.24 -13.42 -15.31
N SER A 535 5.91 -13.14 -16.42
CA SER A 535 6.40 -14.19 -17.32
C SER A 535 7.62 -14.95 -16.78
N ARG A 536 8.40 -14.35 -15.87
CA ARG A 536 9.63 -14.96 -15.31
C ARG A 536 9.66 -14.84 -13.78
N PRO A 537 10.43 -15.72 -13.11
CA PRO A 537 10.70 -15.59 -11.67
C PRO A 537 11.12 -14.17 -11.35
N TRP A 538 10.62 -13.59 -10.26
CA TRP A 538 10.86 -12.16 -9.99
C TRP A 538 12.34 -11.77 -9.86
N PRO A 539 13.20 -12.72 -9.42
CA PRO A 539 14.63 -12.36 -9.33
C PRO A 539 15.22 -11.89 -10.65
N GLU A 540 14.65 -12.34 -11.76
CA GLU A 540 15.09 -11.91 -13.10
C GLU A 540 14.84 -10.43 -13.33
N ALA A 541 13.65 -9.95 -12.96
CA ALA A 541 13.38 -8.54 -13.05
C ALA A 541 14.22 -7.72 -12.07
N MET A 542 14.37 -8.23 -10.84
CA MET A 542 15.26 -7.56 -9.85
C MET A 542 16.67 -7.35 -10.42
N GLN A 543 17.19 -8.43 -11.02
CA GLN A 543 18.48 -8.44 -11.73
C GLN A 543 18.56 -7.41 -12.85
N LEU A 544 17.55 -7.38 -13.71
CA LEU A 544 17.49 -6.39 -14.78
C LEU A 544 17.54 -4.95 -14.28
N ILE A 545 16.85 -4.64 -13.18
CA ILE A 545 16.85 -3.28 -12.65
C ILE A 545 18.15 -3.02 -11.89
N THR A 546 18.55 -3.94 -11.01
CA THR A 546 19.60 -3.65 -10.03
C THR A 546 20.96 -4.29 -10.25
N GLY A 547 21.07 -5.25 -11.17
CA GLY A 547 22.35 -5.95 -11.40
C GLY A 547 22.60 -7.08 -10.43
N GLN A 548 21.60 -7.45 -9.64
CA GLN A 548 21.69 -8.56 -8.70
C GLN A 548 20.27 -9.10 -8.41
N PRO A 549 20.15 -10.32 -7.86
CA PRO A 549 18.82 -10.94 -7.79
C PRO A 549 18.06 -10.92 -6.45
N ASN A 550 18.65 -10.39 -5.37
CA ASN A 550 18.06 -10.47 -4.02
C ASN A 550 17.25 -9.24 -3.63
N MET A 551 16.33 -9.41 -2.69
CA MET A 551 15.74 -8.30 -1.99
C MET A 551 16.73 -7.95 -0.91
N SER A 552 17.00 -6.68 -0.70
CA SER A 552 18.03 -6.28 0.24
C SER A 552 17.68 -4.93 0.86
N ALA A 553 17.87 -4.81 2.17
CA ALA A 553 17.68 -3.53 2.87
C ALA A 553 18.87 -2.59 2.72
N SER A 554 19.97 -3.05 2.12
CA SER A 554 21.20 -2.24 2.11
C SER A 554 20.99 -0.85 1.45
N ALA A 555 20.22 -0.77 0.36
CA ALA A 555 19.95 0.54 -0.28
C ALA A 555 19.20 1.49 0.64
N MET A 556 18.13 0.99 1.30
CA MET A 556 17.39 1.80 2.24
C MET A 556 18.28 2.26 3.39
N LEU A 557 19.12 1.36 3.91
CA LEU A 557 20.06 1.73 4.98
C LEU A 557 21.06 2.76 4.50
N SER A 558 21.58 2.59 3.28
CA SER A 558 22.53 3.57 2.71
C SER A 558 21.89 4.96 2.58
N TYR A 559 20.67 5.01 2.03
CA TYR A 559 19.93 6.26 1.89
C TYR A 559 19.80 7.03 3.22
N PHE A 560 19.50 6.28 4.28
CA PHE A 560 19.23 6.90 5.58
C PHE A 560 20.46 6.93 6.51
N LYS A 561 21.61 6.48 6.03
CA LYS A 561 22.80 6.40 6.87
C LYS A 561 23.07 7.69 7.64
N PRO A 562 23.03 8.84 6.97
CA PRO A 562 23.34 10.04 7.74
C PRO A 562 22.31 10.34 8.85
N LEU A 563 21.07 9.89 8.67
CA LEU A 563 20.05 10.09 9.71
C LEU A 563 20.29 9.15 10.90
N LEU A 564 20.68 7.91 10.61
CA LEU A 564 21.04 6.97 11.67
C LEU A 564 22.09 7.57 12.62
N ASP A 565 23.12 8.16 12.03
CA ASP A 565 24.23 8.79 12.78
C ASP A 565 23.72 9.93 13.62
N TRP A 566 22.97 10.83 12.99
CA TRP A 566 22.37 11.96 13.68
C TRP A 566 21.47 11.49 14.83
N LEU A 567 20.60 10.53 14.57
CA LEU A 567 19.66 10.05 15.60
C LEU A 567 20.38 9.38 16.78
N ARG A 568 21.42 8.62 16.47
CA ARG A 568 22.16 7.94 17.53
C ARG A 568 22.83 8.96 18.45
N THR A 569 23.42 10.00 17.87
CA THR A 569 24.03 11.09 18.65
C THR A 569 22.99 11.84 19.48
N GLU A 570 21.89 12.24 18.84
CA GLU A 570 20.81 12.93 19.53
C GLU A 570 20.19 12.14 20.69
N ASN A 571 19.84 10.88 20.43
CA ASN A 571 19.20 10.02 21.43
C ASN A 571 20.19 9.72 22.58
N GLU A 572 21.47 9.55 22.24
CA GLU A 572 22.50 9.28 23.25
C GLU A 572 22.56 10.42 24.25
N LEU A 573 22.56 11.64 23.75
CA LEU A 573 22.76 12.78 24.64
C LEU A 573 21.56 13.06 25.53
N HIS A 574 20.38 12.57 25.11
CA HIS A 574 19.17 12.67 25.94
C HIS A 574 18.96 11.45 26.80
N GLY A 575 19.81 10.43 26.67
CA GLY A 575 19.73 9.22 27.49
C GLY A 575 18.56 8.31 27.14
N GLU A 576 18.18 8.28 25.87
CA GLU A 576 16.98 7.53 25.53
C GLU A 576 17.25 6.04 25.71
N LYS A 577 16.23 5.34 26.19
CA LYS A 577 16.29 3.91 26.30
C LYS A 577 15.50 3.38 25.13
N LEU A 578 16.20 2.94 24.09
CA LEU A 578 15.56 2.43 22.88
C LEU A 578 14.60 1.29 23.19
N GLY A 579 13.56 1.18 22.38
CA GLY A 579 12.53 0.18 22.63
C GLY A 579 11.56 0.57 23.74
N TRP A 580 10.84 -0.40 24.27
CA TRP A 580 9.78 -0.09 25.23
C TRP A 580 9.75 -1.18 26.28
N PRO A 581 10.94 -1.14 27.03
CA PRO A 581 11.14 -2.12 28.10
C PRO A 581 9.96 -2.12 29.06
N GLN A 582 9.34 -1.02 29.23
CA GLN A 582 8.08 -0.87 29.96
C GLN A 582 6.92 -1.09 29.00
N TYR A 583 6.85 -2.30 28.46
CA TYR A 583 5.94 -2.67 27.37
C TYR A 583 4.48 -2.77 27.80
N ASN A 584 4.24 -2.94 29.10
CA ASN A 584 2.89 -3.01 29.65
C ASN A 584 2.28 -1.63 29.91
N TRP A 585 3.02 -0.55 29.66
CA TRP A 585 2.49 0.79 29.90
C TRP A 585 1.44 1.16 28.86
N THR A 586 0.32 1.66 29.36
CA THR A 586 -0.69 2.31 28.51
C THR A 586 -1.10 3.60 29.21
N PRO A 587 -1.79 4.51 28.48
CA PRO A 587 -2.19 5.78 29.07
C PRO A 587 -3.01 5.66 30.36
N ASN A 588 -2.69 6.51 31.33
CA ASN A 588 -3.38 6.48 32.60
C ASN A 588 -4.70 7.26 32.57
N SER A 589 -4.76 8.31 31.75
CA SER A 589 -5.99 9.13 31.63
C SER A 589 -6.25 9.52 30.16
C1 NAG B . 7.21 -21.17 -25.45
C2 NAG B . 8.34 -20.76 -26.39
C3 NAG B . 8.50 -19.25 -26.46
C4 NAG B . 7.17 -18.55 -26.71
C5 NAG B . 6.07 -19.08 -25.76
C6 NAG B . 4.70 -18.47 -26.06
C7 NAG B . 10.35 -22.12 -26.81
C8 NAG B . 11.63 -22.67 -26.26
N2 NAG B . 9.60 -21.37 -25.99
O3 NAG B . 9.42 -18.94 -27.48
O4 NAG B . 7.33 -17.18 -26.44
O5 NAG B . 6.01 -20.50 -25.82
O6 NAG B . 4.46 -18.49 -27.45
O7 NAG B . 10.03 -22.37 -27.98
C1 NAG B . 7.13 -16.34 -27.59
C2 NAG B . 6.92 -14.90 -27.10
C3 NAG B . 6.86 -13.91 -28.26
C4 NAG B . 8.07 -14.07 -29.15
C5 NAG B . 8.12 -15.54 -29.58
C6 NAG B . 9.25 -15.85 -30.55
C7 NAG B . 5.64 -14.85 -25.00
C8 NAG B . 4.28 -14.68 -24.38
N2 NAG B . 5.70 -14.77 -26.34
O3 NAG B . 6.78 -12.62 -27.73
O4 NAG B . 7.97 -13.24 -30.29
O5 NAG B . 8.25 -16.37 -28.44
O6 NAG B . 10.48 -15.56 -29.92
O7 NAG B . 6.61 -15.08 -24.28
C1 BMA B . 8.21 -11.83 -30.11
C2 BMA B . 9.29 -11.36 -31.09
C3 BMA B . 9.43 -9.84 -31.10
C4 BMA B . 8.08 -9.21 -31.38
C5 BMA B . 7.05 -9.69 -30.36
C6 BMA B . 5.67 -9.14 -30.70
O2 BMA B . 8.96 -11.80 -32.41
O3 BMA B . 10.38 -9.40 -32.11
O4 BMA B . 8.21 -7.79 -31.35
O5 BMA B . 6.98 -11.12 -30.31
O6 BMA B . 4.70 -9.62 -29.76
C1 FUC B . 3.29 -17.77 -27.88
C2 FUC B . 3.20 -17.91 -29.41
C3 FUC B . 2.73 -19.30 -29.82
C4 FUC B . 1.49 -19.74 -29.04
C5 FUC B . 1.80 -19.58 -27.55
C6 FUC B . 0.65 -20.06 -26.66
O2 FUC B . 4.46 -17.69 -30.00
O3 FUC B . 2.46 -19.30 -31.22
O4 FUC B . 0.37 -18.96 -29.41
O5 FUC B . 2.08 -18.22 -27.29
S SO4 C . -3.23 0.79 -4.16
O1 SO4 C . -3.07 1.18 -5.57
O2 SO4 C . -3.26 2.03 -3.31
O3 SO4 C . -2.13 -0.11 -3.75
O4 SO4 C . -4.54 0.11 -3.91
CL CL D . 0.98 -9.34 -1.60
CL CL E . -5.71 0.40 15.22
ZN ZN F . -0.59 0.40 -5.05
C1 MLA G . -0.39 -12.78 4.13
O1A MLA G . -0.30 -13.87 4.77
O1B MLA G . 0.22 -12.58 3.03
C2 MLA G . -1.25 -11.69 4.74
C3 MLA G . -1.19 -10.33 4.05
O3A MLA G . -1.93 -9.45 4.46
O3B MLA G . -0.42 -10.12 3.10
O1 PE4 H . 4.23 15.08 2.84
C1 PE4 H . 4.33 13.96 1.92
C2 PE4 H . 5.73 13.36 1.82
O2 PE4 H . 6.70 14.24 1.22
C3 PE4 H . 8.05 13.85 1.44
C4 PE4 H . 9.01 14.96 0.97
O3 PE4 H . 8.76 16.16 1.71
C5 PE4 H . 9.84 17.08 1.69
C6 PE4 H . 9.29 18.46 2.09
O4 PE4 H . 8.63 18.40 3.37
C7 PE4 H . 8.44 19.69 3.98
C8 PE4 H . 7.81 19.54 5.36
O5 PE4 H . 6.60 18.78 5.25
C9 PE4 H . 6.01 18.41 6.50
C10 PE4 H . 4.66 17.73 6.28
O6 PE4 H . 3.64 18.71 5.97
C1 NAG I . -25.44 5.94 -10.64
C2 NAG I . -25.37 6.57 -12.05
C3 NAG I . -26.67 6.52 -12.83
C4 NAG I . -27.27 5.14 -12.76
C5 NAG I . -27.41 4.63 -11.33
C6 NAG I . -27.67 3.14 -11.35
C7 NAG I . -23.63 8.27 -12.17
C8 NAG I . -23.20 9.69 -11.86
N2 NAG I . -24.87 7.92 -11.84
O3 NAG I . -26.43 6.79 -14.19
O4 NAG I . -28.56 5.17 -13.36
O5 NAG I . -26.26 4.80 -10.50
O6 NAG I . -28.09 2.78 -10.06
O7 NAG I . -22.84 7.49 -12.71
C ACT J . -1.91 1.85 2.24
O ACT J . -0.93 1.48 1.54
OXT ACT J . -2.15 1.33 3.36
CH3 ACT J . -2.78 2.93 1.75
C ACT K . 12.80 19.64 4.25
O ACT K . 13.86 20.15 4.64
OXT ACT K . 12.45 19.73 3.06
CH3 ACT K . 11.91 18.93 5.23
#